data_5W6C
#
_entry.id   5W6C
#
_cell.length_a   63.640
_cell.length_b   66.920
_cell.length_c   100.150
_cell.angle_alpha   90.000
_cell.angle_beta   90.000
_cell.angle_gamma   90.000
#
_symmetry.space_group_name_H-M   'P 21 21 21'
#
loop_
_entity.id
_entity.type
_entity.pdbx_description
1 polymer 'UCA Fab heavy chain'
2 polymer 'UCA Fab light chain'
3 water water
#
loop_
_entity_poly.entity_id
_entity_poly.type
_entity_poly.pdbx_seq_one_letter_code
_entity_poly.pdbx_strand_id
1 'polypeptide(L)'
;QLQLQESGPGLVKPSETLSLTCTVSGGSISSSSYYWGWIRQPPGKGLEWIGSIYYSGSTYYNPSLKSRVTISVDTSKNQF
SLKLSSVTAADTAVYYCATSYVDNWHSGLHWFDPWGQGTLVTVSGASTKGPSVFPLAPSSKSTSGGTAALGCLVKDYFPE
PVTVSWNSGALTSGVHTFPAVLQSSGLYSLSSVVTVPSSSLGTQTYICNVNHKPSNTKVDKRVEPKSCDKHHHHHH
;
H
2 'polypeptide(L)'
;QSVLTQPPSVSGAPGQRVTISCTGSSSNIGAGYDVHWYQQLPGTAPKLLIYGNSNRPSGVPDRFSGSKSGTSASLAITGL
QAEDEADYYCQSYDSSLSGDMVFGGGTKLTVLGQPKGAPSVTLFPPSSEELQANKATLVCLISDFYPGAVTVAWKADSSP
VKAGVETTTPSKQSNNKYAASSYLSLTPEQWKSHRSYSCQVTHEGSTVEKTVAPTECS
;
L
#
# COMPACT_ATOMS: atom_id res chain seq x y z
N GLN A 1 -5.64 18.80 -12.27
CA GLN A 1 -6.58 17.95 -12.98
C GLN A 1 -5.88 17.11 -14.05
N LEU A 2 -4.57 17.27 -14.18
CA LEU A 2 -3.81 16.29 -14.94
C LEU A 2 -3.83 14.98 -14.17
N GLN A 3 -4.14 13.88 -14.85
CA GLN A 3 -4.26 12.60 -14.17
C GLN A 3 -3.46 11.54 -14.91
N LEU A 4 -2.81 10.65 -14.16
CA LEU A 4 -1.93 9.64 -14.72
C LEU A 4 -2.35 8.28 -14.21
N GLN A 5 -2.33 7.28 -15.11
CA GLN A 5 -2.74 5.92 -14.79
C GLN A 5 -1.75 4.91 -15.34
N GLU A 6 -1.12 4.15 -14.45
CA GLU A 6 -0.23 3.06 -14.81
C GLU A 6 -1.01 1.84 -15.30
N SER A 7 -0.39 1.09 -16.21
CA SER A 7 -0.91 -0.22 -16.59
C SER A 7 0.23 -1.11 -17.04
N GLY A 8 0.02 -2.42 -16.92
CA GLY A 8 0.97 -3.38 -17.40
C GLY A 8 1.03 -4.60 -16.51
N PRO A 9 1.79 -5.60 -16.95
CA PRO A 9 1.81 -6.88 -16.23
C PRO A 9 2.31 -6.74 -14.80
N GLY A 10 1.73 -7.54 -13.91
CA GLY A 10 2.12 -7.54 -12.52
C GLY A 10 3.17 -8.56 -12.17
N LEU A 11 3.57 -9.41 -13.12
CA LEU A 11 4.56 -10.44 -12.87
C LEU A 11 5.56 -10.47 -14.02
N VAL A 12 6.85 -10.43 -13.68
CA VAL A 12 7.94 -10.52 -14.65
C VAL A 12 8.92 -11.58 -14.15
N LYS A 13 9.39 -12.43 -15.06
CA LYS A 13 10.37 -13.44 -14.67
C LYS A 13 11.76 -12.81 -14.55
N PRO A 14 12.57 -13.30 -13.60
CA PRO A 14 13.96 -12.82 -13.50
C PRO A 14 14.67 -12.95 -14.84
N SER A 15 15.46 -11.92 -15.17
CA SER A 15 16.25 -11.76 -16.39
C SER A 15 15.43 -11.26 -17.57
N GLU A 16 14.09 -11.25 -17.49
CA GLU A 16 13.26 -10.76 -18.58
C GLU A 16 13.02 -9.26 -18.42
N THR A 17 12.20 -8.69 -19.30
CA THR A 17 12.00 -7.24 -19.35
C THR A 17 10.65 -6.87 -18.77
N LEU A 18 10.65 -5.87 -17.88
CA LEU A 18 9.44 -5.31 -17.31
C LEU A 18 8.97 -4.17 -18.19
N SER A 19 7.68 -4.16 -18.53
CA SER A 19 7.11 -3.14 -19.40
C SER A 19 5.89 -2.56 -18.73
N LEU A 20 5.81 -1.24 -18.67
CA LEU A 20 4.65 -0.55 -18.14
C LEU A 20 4.31 0.63 -19.05
N THR A 21 3.05 1.01 -19.02
CA THR A 21 2.56 2.17 -19.76
C THR A 21 1.84 3.10 -18.82
N CYS A 22 1.96 4.40 -19.05
CA CYS A 22 1.23 5.39 -18.31
C CYS A 22 0.31 6.13 -19.27
N THR A 23 -0.97 6.20 -18.95
CA THR A 23 -1.93 6.93 -19.78
C THR A 23 -2.27 8.23 -19.09
N VAL A 24 -2.12 9.34 -19.80
CA VAL A 24 -2.34 10.66 -19.24
C VAL A 24 -3.67 11.18 -19.77
N SER A 25 -4.43 11.82 -18.89
CA SER A 25 -5.66 12.49 -19.26
C SER A 25 -5.73 13.83 -18.55
N GLY A 26 -6.54 14.75 -19.09
CA GLY A 26 -6.68 16.05 -18.49
C GLY A 26 -5.55 17.02 -18.79
N GLY A 27 -4.61 16.62 -19.62
CA GLY A 27 -3.51 17.47 -20.02
C GLY A 27 -2.71 16.73 -21.05
N SER A 28 -1.91 17.48 -21.80
CA SER A 28 -1.22 16.92 -22.96
C SER A 28 0.23 16.56 -22.65
N ILE A 29 0.63 15.34 -23.01
CA ILE A 29 2.05 15.02 -23.04
C ILE A 29 2.76 15.87 -24.09
N SER A 30 2.24 15.84 -25.31
CA SER A 30 2.89 16.57 -26.38
C SER A 30 2.80 18.07 -26.15
N SER A 31 3.81 18.79 -26.63
CA SER A 31 3.77 20.25 -26.78
C SER A 31 3.68 20.98 -25.46
N SER A 32 4.14 20.34 -24.39
CA SER A 32 4.03 20.83 -23.02
C SER A 32 5.43 20.89 -22.41
N SER A 33 5.69 21.93 -21.60
CA SER A 33 6.98 22.04 -20.90
C SER A 33 7.00 21.13 -19.66
N TYR A 34 6.86 19.83 -19.92
CA TYR A 34 6.83 18.83 -18.88
C TYR A 34 7.74 17.66 -19.21
N TYR A 35 8.33 17.08 -18.16
CA TYR A 35 9.04 15.81 -18.27
C TYR A 35 8.23 14.74 -17.56
N TRP A 36 7.95 13.67 -18.29
CA TRP A 36 7.05 12.63 -17.83
C TRP A 36 7.88 11.51 -17.22
N GLY A 37 7.63 11.22 -15.94
CA GLY A 37 8.57 10.40 -15.20
C GLY A 37 8.05 9.07 -14.68
N TRP A 38 9.01 8.19 -14.36
CA TRP A 38 8.74 6.94 -13.67
C TRP A 38 9.53 6.92 -12.37
N ILE A 39 8.87 6.44 -11.32
CA ILE A 39 9.41 6.36 -9.95
C ILE A 39 8.97 5.01 -9.40
N ARG A 40 9.80 4.39 -8.55
CA ARG A 40 9.36 3.13 -7.98
C ARG A 40 9.63 3.07 -6.48
N GLN A 41 8.97 2.12 -5.84
CA GLN A 41 9.04 1.98 -4.38
C GLN A 41 8.90 0.52 -4.04
N PRO A 42 10.00 -0.16 -3.72
CA PRO A 42 9.90 -1.53 -3.25
C PRO A 42 9.05 -1.59 -2.01
N PRO A 43 8.35 -2.71 -1.78
CA PRO A 43 7.48 -2.81 -0.60
C PRO A 43 8.23 -2.47 0.68
N GLY A 44 7.67 -1.54 1.45
CA GLY A 44 8.28 -1.16 2.71
C GLY A 44 9.57 -0.37 2.61
N LYS A 45 9.94 0.10 1.42
CA LYS A 45 11.17 0.85 1.25
C LYS A 45 10.84 2.22 0.68
N GLY A 46 11.88 2.92 0.26
CA GLY A 46 11.77 4.31 -0.13
C GLY A 46 11.60 4.50 -1.65
N LEU A 47 11.36 5.75 -2.02
CA LEU A 47 11.17 6.14 -3.41
C LEU A 47 12.50 6.22 -4.16
N GLU A 48 12.44 5.89 -5.44
CA GLU A 48 13.60 5.96 -6.33
C GLU A 48 13.15 6.40 -7.71
N TRP A 49 13.73 7.49 -8.21
CA TRP A 49 13.44 7.93 -9.56
C TRP A 49 14.09 6.99 -10.56
N ILE A 50 13.37 6.65 -11.62
CA ILE A 50 13.87 5.78 -12.68
C ILE A 50 14.33 6.60 -13.90
N GLY A 51 13.48 7.49 -14.37
CA GLY A 51 13.85 8.38 -15.47
C GLY A 51 12.65 9.16 -15.91
N SER A 52 12.91 10.15 -16.77
CA SER A 52 11.84 11.02 -17.28
C SER A 52 12.07 11.29 -18.76
N ILE A 53 11.00 11.64 -19.46
CA ILE A 53 11.05 11.87 -20.92
C ILE A 53 10.29 13.15 -21.27
N TYR A 54 10.85 13.91 -22.20
CA TYR A 54 10.19 15.05 -22.82
C TYR A 54 9.47 14.54 -24.07
N TYR A 55 8.39 15.21 -24.45
CA TYR A 55 7.49 14.64 -25.46
C TYR A 55 8.19 14.35 -26.78
N SER A 56 9.24 15.11 -27.12
CA SER A 56 9.88 14.89 -28.40
C SER A 56 10.96 13.83 -28.34
N GLY A 57 11.23 13.25 -27.17
CA GLY A 57 12.03 12.04 -27.07
C GLY A 57 13.22 12.13 -26.14
N SER A 58 13.68 13.33 -25.80
CA SER A 58 14.87 13.44 -24.95
C SER A 58 14.59 12.89 -23.56
N THR A 59 15.52 12.10 -23.05
CA THR A 59 15.35 11.39 -21.78
C THR A 59 16.47 11.72 -20.81
N TYR A 60 16.14 11.62 -19.52
CA TYR A 60 17.12 11.60 -18.45
C TYR A 60 16.82 10.38 -17.59
N TYR A 61 17.85 9.61 -17.25
CA TYR A 61 17.67 8.41 -16.46
C TYR A 61 18.49 8.48 -15.16
N ASN A 62 18.03 7.71 -14.19
CA ASN A 62 18.83 7.47 -13.00
C ASN A 62 20.12 6.77 -13.40
N PRO A 63 21.29 7.36 -13.11
CA PRO A 63 22.55 6.70 -13.53
C PRO A 63 22.70 5.29 -13.01
N SER A 64 22.10 4.95 -11.87
CA SER A 64 22.26 3.60 -11.34
C SER A 64 21.45 2.57 -12.11
N LEU A 65 20.54 3.02 -12.97
CA LEU A 65 19.66 2.14 -13.73
C LEU A 65 19.78 2.33 -15.23
N LYS A 66 20.53 3.33 -15.68
CA LYS A 66 20.47 3.74 -17.08
C LYS A 66 20.73 2.58 -18.03
N SER A 67 21.66 1.70 -17.68
CA SER A 67 22.00 0.60 -18.59
C SER A 67 20.83 -0.35 -18.82
N ARG A 68 19.77 -0.27 -18.01
CA ARG A 68 18.65 -1.19 -18.14
C ARG A 68 17.34 -0.49 -18.49
N VAL A 69 17.33 0.83 -18.62
CA VAL A 69 16.09 1.60 -18.70
C VAL A 69 15.91 2.13 -20.12
N THR A 70 14.72 1.95 -20.67
CA THR A 70 14.29 2.66 -21.87
C THR A 70 12.92 3.25 -21.58
N ILE A 71 12.80 4.56 -21.73
CA ILE A 71 11.52 5.24 -21.62
C ILE A 71 11.16 5.76 -23.00
N SER A 72 9.89 5.63 -23.38
CA SER A 72 9.44 6.06 -24.69
C SER A 72 8.10 6.78 -24.53
N VAL A 73 7.71 7.48 -25.58
CA VAL A 73 6.50 8.29 -25.55
C VAL A 73 5.71 8.05 -26.83
N ASP A 74 4.39 7.98 -26.70
CA ASP A 74 3.47 7.89 -27.82
C ASP A 74 2.53 9.07 -27.70
N THR A 75 2.91 10.19 -28.34
CA THR A 75 2.14 11.42 -28.18
C THR A 75 0.73 11.28 -28.75
N SER A 76 0.54 10.47 -29.81
CA SER A 76 -0.79 10.36 -30.40
C SER A 76 -1.78 9.71 -29.46
N LYS A 77 -1.30 8.86 -28.53
CA LYS A 77 -2.15 8.24 -27.53
C LYS A 77 -2.06 8.90 -26.17
N ASN A 78 -1.29 9.98 -26.03
CA ASN A 78 -1.06 10.62 -24.75
C ASN A 78 -0.59 9.60 -23.71
N GLN A 79 0.37 8.78 -24.12
CA GLN A 79 0.95 7.76 -23.25
C GLN A 79 2.47 7.83 -23.27
N PHE A 80 3.08 7.32 -22.20
CA PHE A 80 4.51 7.09 -22.22
C PHE A 80 4.78 5.80 -21.46
N SER A 81 5.93 5.19 -21.74
CA SER A 81 6.14 3.80 -21.37
C SER A 81 7.54 3.60 -20.80
N LEU A 82 7.66 2.55 -20.00
CA LEU A 82 8.90 2.14 -19.36
C LEU A 82 9.23 0.71 -19.74
N LYS A 83 10.49 0.46 -20.06
CA LYS A 83 11.02 -0.89 -20.17
C LYS A 83 12.25 -0.99 -19.29
N LEU A 84 12.27 -1.97 -18.39
CA LEU A 84 13.40 -2.21 -17.52
C LEU A 84 13.87 -3.64 -17.80
N SER A 85 15.09 -3.78 -18.29
CA SER A 85 15.55 -5.09 -18.74
C SER A 85 16.28 -5.82 -17.62
N SER A 86 16.49 -7.12 -17.85
CA SER A 86 17.31 -7.98 -16.97
C SER A 86 16.90 -7.86 -15.50
N VAL A 87 15.61 -8.02 -15.22
CA VAL A 87 15.13 -7.72 -13.88
C VAL A 87 15.55 -8.82 -12.90
N THR A 88 15.61 -8.44 -11.62
CA THR A 88 15.82 -9.32 -10.49
C THR A 88 14.82 -8.99 -9.41
N ALA A 89 14.86 -9.74 -8.31
CA ALA A 89 13.96 -9.47 -7.20
C ALA A 89 14.09 -8.04 -6.69
N ALA A 90 15.26 -7.42 -6.89
CA ALA A 90 15.45 -6.05 -6.46
C ALA A 90 14.53 -5.09 -7.21
N ASP A 91 13.97 -5.50 -8.34
CA ASP A 91 13.09 -4.64 -9.12
C ASP A 91 11.62 -4.83 -8.78
N THR A 92 11.28 -5.74 -7.86
CA THR A 92 9.93 -5.82 -7.33
C THR A 92 9.59 -4.51 -6.62
N ALA A 93 8.53 -3.85 -7.08
CA ALA A 93 8.24 -2.53 -6.55
C ALA A 93 6.87 -2.07 -7.02
N VAL A 94 6.33 -1.09 -6.31
CA VAL A 94 5.24 -0.30 -6.86
C VAL A 94 5.86 0.71 -7.79
N TYR A 95 5.37 0.76 -9.03
CA TYR A 95 5.87 1.68 -10.06
C TYR A 95 4.85 2.79 -10.26
N TYR A 96 5.31 4.03 -10.12
CA TYR A 96 4.48 5.22 -10.28
C TYR A 96 4.89 5.95 -11.55
N CYS A 97 3.92 6.44 -12.31
CA CYS A 97 4.26 7.52 -13.21
C CYS A 97 3.86 8.85 -12.59
N ALA A 98 4.53 9.91 -13.05
CA ALA A 98 4.30 11.23 -12.51
C ALA A 98 4.76 12.21 -13.57
N THR A 99 4.61 13.50 -13.27
CA THR A 99 5.07 14.49 -14.21
C THR A 99 5.73 15.66 -13.49
N SER A 100 6.59 16.36 -14.22
CA SER A 100 7.37 17.47 -13.70
C SER A 100 7.25 18.61 -14.67
N TYR A 101 6.73 19.75 -14.21
CA TYR A 101 6.85 20.97 -15.01
C TYR A 101 8.30 21.43 -14.97
N VAL A 102 8.87 21.69 -16.15
CA VAL A 102 10.30 21.92 -16.32
C VAL A 102 10.49 23.08 -17.29
N ASP A 103 11.21 24.11 -16.85
CA ASP A 103 11.67 25.11 -17.80
C ASP A 103 13.01 24.69 -18.43
N ASN A 104 13.96 24.30 -17.58
CA ASN A 104 15.26 23.79 -18.01
C ASN A 104 15.62 22.65 -17.07
N TRP A 105 15.74 21.43 -17.62
CA TRP A 105 16.02 20.27 -16.79
C TRP A 105 17.23 20.51 -15.90
N HIS A 106 18.30 21.05 -16.46
CA HIS A 106 19.54 21.15 -15.70
C HIS A 106 19.53 22.28 -14.68
N SER A 107 18.46 23.09 -14.63
CA SER A 107 18.34 24.01 -13.51
C SER A 107 18.02 23.28 -12.21
N GLY A 108 17.56 22.03 -12.30
CA GLY A 108 17.34 21.23 -11.11
C GLY A 108 16.35 21.83 -10.13
N LEU A 109 15.30 22.46 -10.65
CA LEU A 109 14.30 23.12 -9.81
C LEU A 109 13.01 22.33 -9.70
N HIS A 110 12.83 21.30 -10.51
CA HIS A 110 11.52 20.68 -10.71
C HIS A 110 11.25 19.56 -9.70
N TRP A 111 9.96 19.21 -9.59
CA TRP A 111 9.47 18.23 -8.63
C TRP A 111 8.47 17.34 -9.35
N PHE A 112 7.85 16.43 -8.60
CA PHE A 112 6.88 15.49 -9.13
C PHE A 112 5.47 15.88 -8.68
N ASP A 113 4.62 16.25 -9.63
CA ASP A 113 3.22 16.57 -9.33
C ASP A 113 2.46 16.84 -10.60
N PRO A 114 1.33 16.16 -10.80
CA PRO A 114 0.81 15.06 -9.96
C PRO A 114 1.48 13.72 -10.18
N TRP A 115 1.04 12.75 -9.37
CA TRP A 115 1.47 11.37 -9.37
C TRP A 115 0.33 10.47 -9.84
N GLY A 116 0.69 9.35 -10.45
CA GLY A 116 -0.26 8.30 -10.75
C GLY A 116 -0.64 7.53 -9.49
N GLN A 117 -1.36 6.43 -9.69
CA GLN A 117 -1.86 5.62 -8.59
C GLN A 117 -0.84 4.60 -8.10
N GLY A 118 0.11 4.25 -8.95
CA GLY A 118 1.05 3.18 -8.66
C GLY A 118 0.52 1.85 -9.12
N THR A 119 1.39 0.98 -9.62
CA THR A 119 1.03 -0.39 -9.97
C THR A 119 2.16 -1.29 -9.52
N LEU A 120 1.79 -2.42 -8.93
CA LEU A 120 2.76 -3.36 -8.36
C LEU A 120 3.27 -4.31 -9.45
N VAL A 121 4.58 -4.45 -9.53
CA VAL A 121 5.20 -5.48 -10.35
C VAL A 121 6.06 -6.35 -9.46
N THR A 122 5.81 -7.65 -9.50
CA THR A 122 6.60 -8.62 -8.76
C THR A 122 7.50 -9.37 -9.74
N VAL A 123 8.79 -9.44 -9.43
CA VAL A 123 9.74 -10.21 -10.21
C VAL A 123 9.90 -11.56 -9.54
N SER A 124 9.50 -12.62 -10.24
CA SER A 124 9.49 -13.94 -9.64
C SER A 124 9.38 -14.98 -10.73
N GLY A 125 10.01 -16.15 -10.49
CA GLY A 125 9.86 -17.27 -11.39
C GLY A 125 8.66 -18.13 -11.11
N ALA A 126 7.88 -17.80 -10.08
CA ALA A 126 6.69 -18.57 -9.74
C ALA A 126 5.56 -18.25 -10.72
N SER A 127 4.66 -19.22 -10.91
CA SER A 127 3.58 -19.08 -11.86
C SER A 127 2.44 -18.25 -11.28
N THR A 128 1.70 -17.59 -12.16
CA THR A 128 0.49 -16.87 -11.76
C THR A 128 -0.56 -17.86 -11.26
N LYS A 129 -1.21 -17.53 -10.16
CA LYS A 129 -2.28 -18.34 -9.58
C LYS A 129 -3.46 -17.44 -9.27
N GLY A 130 -4.63 -17.78 -9.79
CA GLY A 130 -5.84 -17.06 -9.48
C GLY A 130 -6.38 -17.46 -8.13
N PRO A 131 -7.19 -16.59 -7.52
CA PRO A 131 -7.70 -16.85 -6.18
C PRO A 131 -8.88 -17.81 -6.17
N SER A 132 -9.03 -18.49 -5.05
CA SER A 132 -10.29 -19.13 -4.69
C SER A 132 -11.01 -18.22 -3.71
N VAL A 133 -12.28 -17.93 -3.99
CA VAL A 133 -13.03 -16.94 -3.22
C VAL A 133 -14.13 -17.69 -2.46
N PHE A 134 -14.10 -17.58 -1.13
CA PHE A 134 -15.12 -18.26 -0.36
C PHE A 134 -15.93 -17.25 0.44
N PRO A 135 -17.23 -17.48 0.59
CA PRO A 135 -18.05 -16.53 1.34
C PRO A 135 -17.86 -16.74 2.83
N LEU A 136 -17.86 -15.63 3.57
CA LEU A 136 -17.80 -15.62 5.03
C LEU A 136 -19.18 -15.17 5.51
N ALA A 137 -20.02 -16.14 5.88
CA ALA A 137 -21.43 -15.87 6.16
C ALA A 137 -21.59 -14.92 7.35
N PRO A 138 -22.65 -14.12 7.36
CA PRO A 138 -22.77 -13.07 8.37
C PRO A 138 -22.81 -13.59 9.79
N SER A 139 -22.17 -12.85 10.68
CA SER A 139 -22.18 -13.13 12.11
C SER A 139 -22.39 -11.82 12.85
N SER A 140 -23.31 -11.83 13.80
CA SER A 140 -23.65 -10.65 14.56
C SER A 140 -22.84 -10.50 15.84
N LYS A 141 -22.01 -11.48 16.18
CA LYS A 141 -21.48 -11.55 17.53
C LYS A 141 -20.53 -10.39 17.85
N SER A 142 -19.73 -9.96 16.88
CA SER A 142 -18.63 -9.03 17.15
C SER A 142 -18.96 -7.58 16.80
N THR A 143 -20.13 -7.30 16.25
CA THR A 143 -20.42 -5.97 15.71
C THR A 143 -21.39 -5.19 16.59
N SER A 144 -21.59 -3.94 16.22
CA SER A 144 -22.48 -3.07 16.98
C SER A 144 -23.92 -3.58 16.91
N GLY A 145 -24.76 -3.00 17.77
CA GLY A 145 -26.17 -3.36 17.81
C GLY A 145 -26.87 -3.34 16.47
N GLY A 146 -27.60 -4.40 16.17
CA GLY A 146 -28.37 -4.44 14.94
C GLY A 146 -27.54 -4.56 13.68
N THR A 147 -26.27 -4.95 13.79
CA THR A 147 -25.44 -5.16 12.61
C THR A 147 -24.81 -6.54 12.64
N ALA A 148 -24.31 -6.94 11.47
CA ALA A 148 -23.63 -8.21 11.31
C ALA A 148 -22.45 -8.01 10.37
N ALA A 149 -21.41 -8.79 10.57
CA ALA A 149 -20.25 -8.78 9.69
C ALA A 149 -20.30 -9.98 8.75
N LEU A 150 -20.12 -9.73 7.46
CA LEU A 150 -19.99 -10.78 6.48
C LEU A 150 -18.81 -10.42 5.58
N GLY A 151 -18.32 -11.40 4.83
CA GLY A 151 -17.18 -11.06 4.00
C GLY A 151 -16.84 -12.13 2.98
N CYS A 152 -15.65 -11.98 2.42
CA CYS A 152 -15.12 -12.91 1.43
C CYS A 152 -13.68 -13.22 1.80
N LEU A 153 -13.35 -14.50 1.74
CA LEU A 153 -11.97 -14.97 1.88
C LEU A 153 -11.43 -15.17 0.48
N VAL A 154 -10.32 -14.49 0.18
CA VAL A 154 -9.72 -14.52 -1.15
C VAL A 154 -8.40 -15.27 -0.98
N LYS A 155 -8.39 -16.54 -1.34
CA LYS A 155 -7.35 -17.48 -0.91
C LYS A 155 -6.44 -17.92 -2.04
N ASP A 156 -5.13 -17.97 -1.75
CA ASP A 156 -4.14 -18.70 -2.55
C ASP A 156 -3.99 -18.12 -3.95
N TYR A 157 -3.60 -16.85 -4.02
CA TYR A 157 -3.36 -16.23 -5.32
C TYR A 157 -1.94 -15.70 -5.36
N PHE A 158 -1.48 -15.41 -6.58
CA PHE A 158 -0.14 -14.89 -6.78
C PHE A 158 -0.03 -14.34 -8.18
N PRO A 159 0.61 -13.17 -8.33
CA PRO A 159 1.17 -12.30 -7.29
C PRO A 159 0.10 -11.34 -6.79
N GLU A 160 0.48 -10.40 -5.93
CA GLU A 160 -0.41 -9.31 -5.57
C GLU A 160 -0.62 -8.39 -6.76
N PRO A 161 -1.69 -7.58 -6.74
CA PRO A 161 -2.76 -7.52 -5.75
C PRO A 161 -4.05 -8.13 -6.26
N VAL A 162 -5.02 -8.20 -5.36
CA VAL A 162 -6.42 -8.35 -5.74
C VAL A 162 -7.13 -7.08 -5.34
N THR A 163 -8.14 -6.71 -6.10
CA THR A 163 -9.05 -5.65 -5.71
C THR A 163 -10.37 -6.31 -5.31
N VAL A 164 -10.99 -5.78 -4.26
CA VAL A 164 -12.29 -6.26 -3.82
C VAL A 164 -13.21 -5.06 -3.75
N SER A 165 -14.36 -5.18 -4.40
CA SER A 165 -15.44 -4.25 -4.18
C SER A 165 -16.66 -5.04 -3.72
N TRP A 166 -17.69 -4.33 -3.35
CA TRP A 166 -18.93 -4.97 -2.90
C TRP A 166 -20.07 -4.42 -3.73
N ASN A 167 -20.91 -5.34 -4.21
CA ASN A 167 -22.08 -5.00 -5.03
C ASN A 167 -21.69 -4.07 -6.17
N SER A 168 -20.58 -4.40 -6.83
CA SER A 168 -20.11 -3.75 -8.03
C SER A 168 -19.75 -2.28 -7.79
N GLY A 169 -19.37 -1.98 -6.54
CA GLY A 169 -18.99 -0.64 -6.14
C GLY A 169 -20.09 0.15 -5.45
N ALA A 170 -21.31 -0.39 -5.44
CA ALA A 170 -22.42 0.32 -4.80
C ALA A 170 -22.29 0.33 -3.29
N LEU A 171 -21.72 -0.72 -2.70
CA LEU A 171 -21.65 -0.86 -1.24
C LEU A 171 -20.27 -0.45 -0.78
N THR A 172 -20.17 0.70 -0.15
CA THR A 172 -18.88 1.20 0.34
C THR A 172 -18.85 1.41 1.83
N SER A 173 -19.98 1.71 2.46
CA SER A 173 -20.02 1.94 3.90
C SER A 173 -19.71 0.66 4.66
N GLY A 174 -18.82 0.76 5.65
CA GLY A 174 -18.54 -0.38 6.49
C GLY A 174 -17.67 -1.45 5.89
N VAL A 175 -17.06 -1.19 4.72
CA VAL A 175 -16.19 -2.16 4.07
C VAL A 175 -14.76 -2.02 4.61
N HIS A 176 -14.15 -3.14 4.97
CA HIS A 176 -12.76 -3.17 5.40
C HIS A 176 -12.08 -4.32 4.68
N THR A 177 -11.21 -4.00 3.73
CA THR A 177 -10.44 -5.02 3.03
C THR A 177 -9.07 -5.06 3.69
N PHE A 178 -8.69 -6.23 4.21
CA PHE A 178 -7.48 -6.35 4.99
C PHE A 178 -6.27 -6.62 4.10
N PRO A 179 -5.08 -6.16 4.49
CA PRO A 179 -3.86 -6.56 3.79
C PRO A 179 -3.69 -8.08 3.80
N ALA A 180 -3.07 -8.57 2.74
CA ALA A 180 -2.88 -10.00 2.55
C ALA A 180 -1.73 -10.53 3.42
N VAL A 181 -1.82 -11.81 3.74
CA VAL A 181 -0.70 -12.55 4.32
C VAL A 181 -0.02 -13.30 3.19
N LEU A 182 1.31 -13.37 3.26
CA LEU A 182 2.08 -14.22 2.34
C LEU A 182 2.37 -15.51 3.07
N GLN A 183 1.80 -16.61 2.59
CA GLN A 183 1.96 -17.89 3.22
C GLN A 183 3.29 -18.54 2.82
N SER A 184 3.67 -19.56 3.60
CA SER A 184 4.90 -20.28 3.33
C SER A 184 4.88 -20.91 1.94
N SER A 185 3.69 -21.25 1.44
CA SER A 185 3.56 -21.79 0.09
C SER A 185 3.97 -20.79 -0.98
N GLY A 186 4.11 -19.51 -0.61
CA GLY A 186 4.38 -18.49 -1.59
C GLY A 186 3.14 -17.85 -2.19
N LEU A 187 1.96 -18.24 -1.72
CA LEU A 187 0.70 -17.68 -2.20
C LEU A 187 0.12 -16.75 -1.14
N TYR A 188 -0.61 -15.74 -1.61
CA TYR A 188 -1.25 -14.76 -0.76
C TYR A 188 -2.68 -15.18 -0.44
N SER A 189 -3.18 -14.70 0.71
CA SER A 189 -4.59 -14.73 1.01
C SER A 189 -4.97 -13.42 1.69
N LEU A 190 -6.20 -12.95 1.43
CA LEU A 190 -6.70 -11.79 2.13
C LEU A 190 -8.20 -11.98 2.39
N SER A 191 -8.76 -11.11 3.21
CA SER A 191 -10.19 -11.11 3.46
C SER A 191 -10.73 -9.69 3.36
N SER A 192 -11.98 -9.58 2.92
CA SER A 192 -12.70 -8.31 2.93
C SER A 192 -13.99 -8.54 3.70
N VAL A 193 -14.30 -7.64 4.64
CA VAL A 193 -15.46 -7.79 5.50
C VAL A 193 -16.29 -6.52 5.38
N VAL A 194 -17.60 -6.68 5.42
CA VAL A 194 -18.47 -5.51 5.43
C VAL A 194 -19.46 -5.70 6.56
N THR A 195 -19.72 -4.63 7.31
CA THR A 195 -20.68 -4.66 8.40
C THR A 195 -21.98 -4.04 7.89
N VAL A 196 -23.07 -4.78 8.00
CA VAL A 196 -24.35 -4.39 7.39
C VAL A 196 -25.45 -4.55 8.44
N PRO A 197 -26.62 -3.97 8.20
CA PRO A 197 -27.74 -4.14 9.14
C PRO A 197 -28.19 -5.59 9.23
N SER A 198 -28.35 -6.07 10.46
CA SER A 198 -28.85 -7.42 10.69
C SER A 198 -30.25 -7.61 10.13
N SER A 199 -31.08 -6.57 10.22
CA SER A 199 -32.50 -6.73 9.96
C SER A 199 -32.79 -7.06 8.50
N SER A 200 -31.90 -6.68 7.58
CA SER A 200 -32.17 -6.85 6.16
C SER A 200 -31.34 -7.95 5.51
N LEU A 201 -30.69 -8.82 6.30
CA LEU A 201 -29.96 -9.93 5.73
C LEU A 201 -30.83 -10.83 4.85
N GLY A 202 -32.14 -10.85 5.08
CA GLY A 202 -33.02 -11.65 4.26
C GLY A 202 -33.61 -10.95 3.06
N THR A 203 -33.37 -9.64 2.91
CA THR A 203 -33.96 -8.86 1.83
C THR A 203 -32.94 -8.14 0.96
N GLN A 204 -31.69 -8.03 1.39
CA GLN A 204 -30.65 -7.46 0.57
C GLN A 204 -29.67 -8.55 0.16
N THR A 205 -28.99 -8.33 -0.97
CA THR A 205 -28.08 -9.30 -1.55
C THR A 205 -26.68 -8.71 -1.53
N TYR A 206 -25.73 -9.44 -0.95
CA TYR A 206 -24.37 -8.96 -0.81
C TYR A 206 -23.45 -9.79 -1.68
N ILE A 207 -22.65 -9.11 -2.50
CA ILE A 207 -21.79 -9.78 -3.48
C ILE A 207 -20.40 -9.15 -3.41
N CYS A 208 -19.38 -9.97 -3.23
CA CYS A 208 -18.03 -9.42 -3.27
C CYS A 208 -17.49 -9.62 -4.68
N ASN A 209 -16.90 -8.56 -5.22
CA ASN A 209 -16.34 -8.57 -6.56
C ASN A 209 -14.83 -8.61 -6.42
N VAL A 210 -14.25 -9.74 -6.76
CA VAL A 210 -12.81 -9.95 -6.62
C VAL A 210 -12.20 -9.89 -8.00
N ASN A 211 -11.21 -9.01 -8.18
CA ASN A 211 -10.50 -8.91 -9.45
C ASN A 211 -9.03 -9.20 -9.21
N HIS A 212 -8.51 -10.26 -9.83
CA HIS A 212 -7.09 -10.57 -9.78
C HIS A 212 -6.54 -10.36 -11.19
N LYS A 213 -6.13 -9.12 -11.46
CA LYS A 213 -5.64 -8.78 -12.80
C LYS A 213 -4.50 -9.66 -13.28
N PRO A 214 -3.49 -10.00 -12.45
CA PRO A 214 -2.39 -10.82 -12.97
C PRO A 214 -2.80 -12.15 -13.55
N SER A 215 -3.90 -12.75 -13.11
CA SER A 215 -4.38 -14.01 -13.67
C SER A 215 -5.60 -13.84 -14.55
N ASN A 216 -6.02 -12.60 -14.77
CA ASN A 216 -7.25 -12.28 -15.50
C ASN A 216 -8.43 -13.10 -14.98
N THR A 217 -8.59 -13.06 -13.66
CA THR A 217 -9.66 -13.78 -12.99
C THR A 217 -10.56 -12.80 -12.27
N LYS A 218 -11.86 -12.89 -12.51
CA LYS A 218 -12.85 -12.10 -11.78
C LYS A 218 -13.88 -13.03 -11.19
N VAL A 219 -14.17 -12.85 -9.91
CA VAL A 219 -15.16 -13.65 -9.20
C VAL A 219 -16.13 -12.70 -8.52
N ASP A 220 -17.43 -12.94 -8.72
CA ASP A 220 -18.48 -12.22 -8.00
C ASP A 220 -19.17 -13.22 -7.10
N LYS A 221 -18.84 -13.19 -5.81
CA LYS A 221 -19.27 -14.22 -4.87
C LYS A 221 -20.43 -13.68 -4.03
N ARG A 222 -21.58 -14.34 -4.15
CA ARG A 222 -22.71 -14.00 -3.29
C ARG A 222 -22.45 -14.52 -1.88
N VAL A 223 -22.70 -13.69 -0.88
CA VAL A 223 -22.47 -14.05 0.52
C VAL A 223 -23.84 -14.10 1.18
N GLU A 224 -24.36 -15.32 1.43
CA GLU A 224 -25.67 -15.63 1.99
C GLU A 224 -25.59 -15.93 3.47
N PRO A 225 -26.65 -15.62 4.23
CA PRO A 225 -26.79 -16.14 5.60
C PRO A 225 -26.88 -17.67 5.61
N GLN B 1 19.01 2.40 0.84
CA GLN B 1 19.96 3.39 0.35
C GLN B 1 19.32 4.40 -0.59
N SER B 2 19.69 5.66 -0.41
CA SER B 2 19.22 6.76 -1.24
C SER B 2 20.27 7.85 -1.14
N VAL B 3 20.21 8.81 -2.06
CA VAL B 3 21.27 9.82 -2.12
C VAL B 3 21.14 10.81 -0.97
N LEU B 4 19.92 11.17 -0.58
CA LEU B 4 19.72 12.06 0.57
C LEU B 4 19.40 11.22 1.81
N THR B 5 19.65 11.79 2.98
CA THR B 5 19.52 11.06 4.24
C THR B 5 18.53 11.73 5.18
N GLN B 6 17.59 10.94 5.68
CA GLN B 6 16.54 11.31 6.62
C GLN B 6 16.57 10.36 7.81
N PRO B 7 16.18 10.84 8.99
CA PRO B 7 15.95 9.92 10.10
C PRO B 7 14.82 8.96 9.75
N PRO B 8 14.99 7.67 10.01
CA PRO B 8 13.89 6.74 9.72
C PRO B 8 12.60 7.05 10.46
N SER B 9 12.69 7.61 11.66
CA SER B 9 11.49 7.90 12.44
C SER B 9 11.67 9.18 13.22
N VAL B 10 10.57 9.90 13.36
CA VAL B 10 10.52 11.11 14.16
C VAL B 10 9.21 11.07 14.94
N SER B 11 9.25 11.53 16.19
CA SER B 11 8.08 11.56 17.06
C SER B 11 7.89 12.95 17.65
N GLY B 12 6.63 13.32 17.86
CA GLY B 12 6.32 14.58 18.50
C GLY B 12 5.03 14.47 19.29
N ALA B 13 4.91 15.34 20.29
CA ALA B 13 3.67 15.38 21.07
C ALA B 13 2.61 16.20 20.34
N PRO B 14 1.33 15.91 20.58
CA PRO B 14 0.27 16.69 19.92
C PRO B 14 0.37 18.17 20.24
N GLY B 15 0.06 18.99 19.25
CA GLY B 15 0.09 20.43 19.40
C GLY B 15 1.46 21.04 19.42
N GLN B 16 2.52 20.24 19.43
CA GLN B 16 3.87 20.77 19.46
C GLN B 16 4.45 20.79 18.05
N ARG B 17 5.66 21.33 17.94
CA ARG B 17 6.33 21.48 16.66
C ARG B 17 7.38 20.39 16.52
N VAL B 18 7.43 19.77 15.35
CA VAL B 18 8.41 18.74 15.04
C VAL B 18 9.08 19.10 13.72
N THR B 19 10.33 18.66 13.56
CA THR B 19 11.08 18.84 12.32
C THR B 19 11.59 17.51 11.81
N ILE B 20 11.58 17.37 10.49
CA ILE B 20 12.16 16.23 9.79
C ILE B 20 13.30 16.76 8.94
N SER B 21 14.51 16.25 9.19
CA SER B 21 15.68 16.73 8.47
C SER B 21 15.90 15.92 7.20
N CYS B 22 16.70 16.50 6.31
CA CYS B 22 17.04 15.89 5.03
C CYS B 22 18.43 16.39 4.69
N THR B 23 19.43 15.51 4.69
CA THR B 23 20.78 15.98 4.39
C THR B 23 21.28 15.42 3.06
N GLY B 24 22.08 16.22 2.37
CA GLY B 24 22.69 15.81 1.13
C GLY B 24 24.15 16.15 1.10
N SER B 25 24.61 16.77 0.02
CA SER B 25 26.03 17.06 -0.18
C SER B 25 26.17 18.31 -1.02
N SER B 26 27.42 18.68 -1.30
CA SER B 26 27.70 19.80 -2.18
C SER B 26 27.36 19.50 -3.64
N SER B 27 26.95 18.28 -3.98
CA SER B 27 26.52 17.92 -5.33
C SER B 27 25.01 18.04 -5.53
N ASN B 28 24.25 18.20 -4.46
CA ASN B 28 22.81 18.32 -4.63
C ASN B 28 22.27 19.52 -3.84
N ILE B 29 21.82 19.32 -2.60
CA ILE B 29 21.28 20.43 -1.82
C ILE B 29 22.29 21.56 -1.71
N GLY B 30 23.54 21.23 -1.41
CA GLY B 30 24.58 22.24 -1.28
C GLY B 30 25.01 22.86 -2.58
N ALA B 31 24.67 22.25 -3.71
CA ALA B 31 24.93 22.84 -5.02
C ALA B 31 23.89 23.88 -5.43
N GLY B 32 22.94 24.21 -4.55
CA GLY B 32 21.95 25.21 -4.83
C GLY B 32 20.62 24.71 -5.37
N TYR B 33 20.41 23.41 -5.41
CA TYR B 33 19.17 22.88 -5.98
C TYR B 33 18.08 22.81 -4.91
N ASP B 34 16.85 23.04 -5.34
CA ASP B 34 15.73 23.14 -4.41
C ASP B 34 15.38 21.77 -3.83
N VAL B 35 14.76 21.79 -2.66
CA VAL B 35 14.31 20.57 -2.00
C VAL B 35 12.78 20.57 -1.97
N HIS B 36 12.20 19.41 -2.28
CA HIS B 36 10.76 19.24 -2.26
C HIS B 36 10.42 18.11 -1.31
N TRP B 37 9.18 18.13 -0.82
CA TRP B 37 8.74 17.14 0.15
C TRP B 37 7.46 16.47 -0.30
N TYR B 38 7.35 15.17 -0.04
CA TYR B 38 6.17 14.38 -0.37
C TYR B 38 5.65 13.72 0.89
N GLN B 39 4.34 13.70 1.03
CA GLN B 39 3.67 13.02 2.13
C GLN B 39 3.03 11.75 1.60
N GLN B 40 3.24 10.63 2.29
CA GLN B 40 2.68 9.37 1.85
C GLN B 40 1.88 8.75 3.00
N LEU B 41 0.57 8.77 2.86
CA LEU B 41 -0.27 8.07 3.80
C LEU B 41 -0.24 6.57 3.48
N PRO B 42 -0.49 5.72 4.47
CA PRO B 42 -0.29 4.28 4.26
C PRO B 42 -1.13 3.76 3.10
N GLY B 43 -0.49 2.97 2.25
CA GLY B 43 -1.15 2.35 1.12
C GLY B 43 -1.49 3.27 -0.03
N THR B 44 -1.07 4.54 0.05
CA THR B 44 -1.44 5.55 -0.94
C THR B 44 -0.19 6.05 -1.65
N ALA B 45 -0.40 6.62 -2.84
CA ALA B 45 0.71 7.20 -3.57
C ALA B 45 1.22 8.43 -2.84
N PRO B 46 2.51 8.75 -2.96
CA PRO B 46 3.01 10.01 -2.45
C PRO B 46 2.24 11.18 -3.05
N LYS B 47 2.11 12.25 -2.27
CA LYS B 47 1.56 13.48 -2.80
C LYS B 47 2.47 14.65 -2.44
N LEU B 48 2.49 15.65 -3.32
CA LEU B 48 3.36 16.80 -3.10
C LEU B 48 2.93 17.55 -1.85
N LEU B 49 3.89 17.85 -0.99
CA LEU B 49 3.62 18.53 0.27
C LEU B 49 4.28 19.90 0.35
N ILE B 50 5.51 20.01 -0.12
CA ILE B 50 6.25 21.26 -0.19
C ILE B 50 7.01 21.24 -1.49
N TYR B 51 7.04 22.36 -2.20
CA TYR B 51 7.87 22.45 -3.40
C TYR B 51 8.71 23.72 -3.35
N GLY B 52 9.85 23.68 -4.01
CA GLY B 52 10.75 24.82 -4.05
C GLY B 52 11.20 25.30 -2.69
N ASN B 53 11.60 24.36 -1.82
CA ASN B 53 12.11 24.58 -0.46
C ASN B 53 11.00 24.88 0.54
N SER B 54 10.07 25.79 0.19
CA SER B 54 9.20 26.36 1.20
C SER B 54 7.78 26.64 0.71
N ASN B 55 7.42 26.28 -0.51
CA ASN B 55 6.09 26.60 -1.02
C ASN B 55 5.12 25.46 -0.72
N ARG B 56 3.93 25.83 -0.27
CA ARG B 56 2.88 24.86 -0.02
C ARG B 56 1.92 24.79 -1.20
N PRO B 57 1.63 23.61 -1.74
CA PRO B 57 0.51 23.49 -2.68
C PRO B 57 -0.80 23.83 -1.98
N SER B 58 -1.79 24.17 -2.79
CA SER B 58 -3.12 24.32 -2.23
C SER B 58 -3.59 22.98 -1.71
N GLY B 59 -4.30 23.01 -0.60
CA GLY B 59 -4.73 21.79 0.04
C GLY B 59 -3.78 21.26 1.10
N VAL B 60 -2.62 21.89 1.30
CA VAL B 60 -1.71 21.51 2.38
C VAL B 60 -1.86 22.53 3.50
N PRO B 61 -2.08 22.09 4.74
CA PRO B 61 -2.27 23.04 5.85
C PRO B 61 -1.04 23.89 6.08
N ASP B 62 -1.25 25.14 6.54
CA ASP B 62 -0.12 26.02 6.77
C ASP B 62 0.70 25.64 7.99
N ARG B 63 0.30 24.60 8.74
CA ARG B 63 1.16 24.02 9.76
C ARG B 63 2.42 23.39 9.18
N PHE B 64 2.40 23.01 7.90
CA PHE B 64 3.60 22.48 7.25
C PHE B 64 4.42 23.62 6.64
N SER B 65 5.73 23.60 6.87
CA SER B 65 6.62 24.55 6.24
C SER B 65 7.94 23.88 5.92
N GLY B 66 8.70 24.51 5.04
CA GLY B 66 9.98 23.97 4.62
C GLY B 66 11.03 25.06 4.60
N SER B 67 12.27 24.66 4.85
CA SER B 67 13.41 25.55 4.74
C SER B 67 14.61 24.72 4.31
N LYS B 68 15.64 25.39 3.80
CA LYS B 68 16.88 24.73 3.43
C LYS B 68 18.06 25.58 3.87
N SER B 69 19.18 24.92 4.17
CA SER B 69 20.36 25.61 4.70
C SER B 69 21.60 24.79 4.38
N GLY B 70 22.44 25.31 3.50
CA GLY B 70 23.67 24.60 3.16
C GLY B 70 23.38 23.29 2.46
N THR B 71 23.86 22.18 3.03
CA THR B 71 23.63 20.85 2.46
C THR B 71 22.44 20.13 3.05
N SER B 72 21.57 20.81 3.80
CA SER B 72 20.43 20.13 4.39
C SER B 72 19.17 20.95 4.21
N ALA B 73 18.05 20.29 4.49
CA ALA B 73 16.74 20.91 4.43
C ALA B 73 15.92 20.36 5.59
N SER B 74 14.85 21.07 5.92
CA SER B 74 14.05 20.72 7.08
C SER B 74 12.56 20.94 6.81
N LEU B 75 11.77 19.92 7.08
CA LEU B 75 10.32 20.03 7.08
C LEU B 75 9.86 20.27 8.52
N ALA B 76 9.11 21.34 8.74
CA ALA B 76 8.59 21.66 10.06
C ALA B 76 7.07 21.53 10.08
N ILE B 77 6.55 20.96 11.17
CA ILE B 77 5.11 20.83 11.36
C ILE B 77 4.78 21.40 12.74
N THR B 78 3.98 22.47 12.76
CA THR B 78 3.48 23.04 14.01
C THR B 78 2.14 22.41 14.37
N GLY B 79 1.73 22.63 15.62
CA GLY B 79 0.47 22.11 16.12
C GLY B 79 0.20 20.69 15.69
N LEU B 80 1.15 19.80 15.97
CA LEU B 80 1.13 18.45 15.44
C LEU B 80 -0.21 17.77 15.70
N GLN B 81 -0.79 17.24 14.63
CA GLN B 81 -2.08 16.55 14.66
C GLN B 81 -1.89 15.06 14.42
N ALA B 82 -2.79 14.26 15.00
CA ALA B 82 -2.76 12.83 14.77
C ALA B 82 -2.83 12.50 13.28
N GLU B 83 -3.59 13.29 12.51
CA GLU B 83 -3.71 13.01 11.08
C GLU B 83 -2.43 13.29 10.31
N ASP B 84 -1.40 13.83 10.96
CA ASP B 84 -0.12 14.03 10.29
C ASP B 84 0.75 12.78 10.30
N GLU B 85 0.31 11.71 10.97
CA GLU B 85 1.06 10.47 10.89
C GLU B 85 1.07 9.98 9.45
N ALA B 86 2.27 9.78 8.93
CA ALA B 86 2.51 9.46 7.53
C ALA B 86 4.01 9.27 7.37
N ASP B 87 4.40 8.83 6.18
CA ASP B 87 5.80 8.84 5.79
C ASP B 87 6.07 10.08 4.97
N TYR B 88 7.25 10.65 5.15
CA TYR B 88 7.62 11.91 4.54
C TYR B 88 8.92 11.72 3.79
N TYR B 89 8.98 12.18 2.54
CA TYR B 89 10.16 12.03 1.71
C TYR B 89 10.64 13.40 1.23
N CYS B 90 11.94 13.65 1.34
CA CYS B 90 12.50 14.79 0.65
C CYS B 90 13.08 14.36 -0.71
N GLN B 91 13.35 15.35 -1.55
CA GLN B 91 13.73 15.10 -2.93
C GLN B 91 14.46 16.34 -3.44
N SER B 92 15.52 16.13 -4.20
CA SER B 92 16.25 17.25 -4.75
C SER B 92 16.84 16.81 -6.08
N TYR B 93 17.87 17.53 -6.52
CA TYR B 93 18.53 17.30 -7.80
C TYR B 93 20.03 17.26 -7.56
N ASP B 94 20.70 16.34 -8.22
CA ASP B 94 22.13 16.12 -8.05
C ASP B 94 22.81 16.28 -9.40
N SER B 95 23.82 17.15 -9.47
CA SER B 95 24.50 17.48 -10.71
C SER B 95 25.87 16.81 -10.84
N SER B 96 26.22 15.86 -9.95
CA SER B 96 27.57 15.30 -10.00
C SER B 96 27.78 14.47 -11.26
N LEU B 97 26.73 13.84 -11.77
CA LEU B 97 26.80 13.09 -13.01
C LEU B 97 25.92 13.77 -14.06
N SER B 98 24.94 13.07 -14.62
CA SER B 98 24.16 13.60 -15.74
C SER B 98 22.95 14.44 -15.34
N GLY B 99 22.65 14.59 -14.05
CA GLY B 99 21.45 15.33 -13.68
C GLY B 99 20.35 14.41 -13.21
N ASP B 100 20.28 14.24 -11.90
CA ASP B 100 19.64 13.12 -11.24
C ASP B 100 18.62 13.65 -10.25
N MET B 101 17.37 13.20 -10.34
CA MET B 101 16.41 13.52 -9.29
C MET B 101 16.58 12.49 -8.17
N VAL B 102 16.86 12.98 -6.98
CA VAL B 102 17.29 12.12 -5.86
C VAL B 102 16.34 12.30 -4.68
N PHE B 103 16.25 11.24 -3.89
CA PHE B 103 15.32 11.18 -2.76
C PHE B 103 16.07 10.95 -1.46
N GLY B 104 15.44 11.38 -0.36
CA GLY B 104 15.80 10.84 0.93
C GLY B 104 15.12 9.51 1.16
N GLY B 105 15.54 8.81 2.20
CA GLY B 105 15.01 7.48 2.42
C GLY B 105 13.67 7.40 3.12
N GLY B 106 13.11 8.53 3.54
CA GLY B 106 11.81 8.50 4.17
C GLY B 106 11.86 8.57 5.67
N THR B 107 10.93 9.30 6.27
CA THR B 107 10.77 9.39 7.71
C THR B 107 9.34 9.03 8.08
N LYS B 108 9.16 8.09 8.99
CA LYS B 108 7.84 7.82 9.53
C LYS B 108 7.61 8.73 10.73
N LEU B 109 6.55 9.51 10.70
CA LEU B 109 6.22 10.45 11.76
C LEU B 109 5.18 9.83 12.69
N THR B 110 5.51 9.74 13.98
CA THR B 110 4.60 9.27 15.01
C THR B 110 4.15 10.46 15.86
N VAL B 111 2.85 10.56 16.11
CA VAL B 111 2.31 11.55 17.02
C VAL B 111 2.08 10.85 18.35
N LEU B 112 2.78 11.30 19.38
CA LEU B 112 2.74 10.64 20.67
C LEU B 112 1.40 10.88 21.34
N GLY B 113 1.14 10.09 22.38
CA GLY B 113 0.00 10.30 23.24
C GLY B 113 -1.30 9.69 22.78
N GLN B 114 -1.29 8.92 21.70
CA GLN B 114 -2.54 8.35 21.23
C GLN B 114 -3.07 7.38 22.26
N PRO B 115 -4.35 7.44 22.61
CA PRO B 115 -4.87 6.53 23.64
C PRO B 115 -4.89 5.10 23.14
N LYS B 116 -4.79 4.17 24.07
CA LYS B 116 -4.83 2.77 23.70
C LYS B 116 -6.21 2.39 23.17
N GLY B 117 -6.22 1.53 22.16
CA GLY B 117 -7.45 1.02 21.62
C GLY B 117 -7.47 -0.49 21.67
N ALA B 118 -8.51 -1.07 22.25
CA ALA B 118 -8.60 -2.51 22.31
C ALA B 118 -9.00 -3.06 20.94
N PRO B 119 -8.52 -4.26 20.59
CA PRO B 119 -8.82 -4.81 19.26
C PRO B 119 -10.25 -5.31 19.16
N SER B 120 -10.88 -5.03 18.02
CA SER B 120 -12.13 -5.67 17.65
C SER B 120 -11.78 -6.93 16.87
N VAL B 121 -12.38 -8.06 17.24
CA VAL B 121 -12.00 -9.36 16.71
C VAL B 121 -13.24 -10.01 16.10
N THR B 122 -13.14 -10.38 14.82
CA THR B 122 -14.18 -11.13 14.14
C THR B 122 -13.58 -12.43 13.68
N LEU B 123 -14.21 -13.54 14.08
CA LEU B 123 -13.73 -14.88 13.76
C LEU B 123 -14.76 -15.58 12.89
N PHE B 124 -14.34 -16.02 11.71
CA PHE B 124 -15.19 -16.76 10.80
C PHE B 124 -14.76 -18.22 10.73
N PRO B 125 -15.71 -19.15 10.75
CA PRO B 125 -15.38 -20.56 10.56
C PRO B 125 -15.18 -20.85 9.08
N PRO B 126 -14.71 -22.05 8.74
CA PRO B 126 -14.63 -22.42 7.32
C PRO B 126 -16.00 -22.39 6.68
N SER B 127 -16.05 -21.93 5.43
CA SER B 127 -17.28 -21.96 4.67
C SER B 127 -17.60 -23.39 4.26
N SER B 128 -18.89 -23.67 4.14
CA SER B 128 -19.33 -24.95 3.60
C SER B 128 -18.73 -25.19 2.22
N GLU B 129 -18.62 -24.14 1.40
CA GLU B 129 -18.02 -24.27 0.07
C GLU B 129 -16.56 -24.69 0.17
N GLU B 130 -15.82 -24.13 1.12
CA GLU B 130 -14.42 -24.54 1.23
C GLU B 130 -14.31 -25.98 1.72
N LEU B 131 -15.14 -26.36 2.69
CA LEU B 131 -15.08 -27.73 3.20
C LEU B 131 -15.40 -28.74 2.11
N GLN B 132 -16.33 -28.40 1.21
CA GLN B 132 -16.67 -29.27 0.09
C GLN B 132 -15.48 -29.44 -0.85
N ALA B 133 -14.59 -28.45 -0.88
CA ALA B 133 -13.36 -28.53 -1.66
C ALA B 133 -12.21 -29.14 -0.87
N ASN B 134 -12.51 -29.80 0.25
CA ASN B 134 -11.53 -30.55 1.05
C ASN B 134 -10.47 -29.65 1.66
N LYS B 135 -10.85 -28.43 2.03
CA LYS B 135 -9.95 -27.51 2.71
C LYS B 135 -10.73 -26.85 3.84
N ALA B 136 -10.02 -26.20 4.75
CA ALA B 136 -10.70 -25.51 5.83
C ALA B 136 -9.78 -24.41 6.32
N THR B 137 -10.32 -23.19 6.37
CA THR B 137 -9.56 -22.03 6.82
C THR B 137 -10.39 -21.28 7.84
N LEU B 138 -9.81 -21.02 9.00
CA LEU B 138 -10.42 -20.11 9.96
C LEU B 138 -9.79 -18.75 9.80
N VAL B 139 -10.63 -17.72 9.88
CA VAL B 139 -10.24 -16.35 9.55
C VAL B 139 -10.50 -15.49 10.77
N CYS B 140 -9.42 -14.97 11.37
CA CYS B 140 -9.52 -14.11 12.54
C CYS B 140 -9.09 -12.71 12.13
N LEU B 141 -10.04 -11.77 12.13
CA LEU B 141 -9.79 -10.41 11.67
C LEU B 141 -9.77 -9.46 12.87
N ILE B 142 -8.71 -8.68 12.97
CA ILE B 142 -8.40 -7.88 14.15
C ILE B 142 -8.24 -6.44 13.70
N SER B 143 -9.01 -5.53 14.29
CA SER B 143 -8.96 -4.16 13.82
C SER B 143 -9.06 -3.17 14.98
N ASP B 144 -8.71 -1.92 14.67
CA ASP B 144 -8.97 -0.78 15.55
C ASP B 144 -8.17 -0.84 16.85
N PHE B 145 -7.02 -1.48 16.85
CA PHE B 145 -6.21 -1.55 18.06
C PHE B 145 -5.04 -0.57 17.99
N TYR B 146 -4.63 -0.11 19.18
CA TYR B 146 -3.51 0.79 19.32
C TYR B 146 -2.93 0.60 20.69
N PRO B 147 -1.59 0.50 20.83
CA PRO B 147 -0.58 0.57 19.76
C PRO B 147 -0.58 -0.65 18.84
N GLY B 148 0.27 -0.61 17.81
CA GLY B 148 0.27 -1.58 16.74
C GLY B 148 1.12 -2.78 17.03
N ALA B 149 0.68 -3.57 18.00
CA ALA B 149 1.34 -4.81 18.37
C ALA B 149 0.28 -5.69 18.99
N VAL B 150 0.06 -6.85 18.39
CA VAL B 150 -0.81 -7.88 18.97
C VAL B 150 -0.08 -9.20 18.82
N THR B 151 -0.51 -10.16 19.62
CA THR B 151 -0.15 -11.54 19.36
C THR B 151 -1.42 -12.36 19.29
N VAL B 152 -1.42 -13.33 18.38
CA VAL B 152 -2.60 -14.11 18.07
C VAL B 152 -2.25 -15.57 18.27
N ALA B 153 -3.05 -16.26 19.06
CA ALA B 153 -2.86 -17.67 19.30
C ALA B 153 -4.17 -18.37 18.95
N TRP B 154 -4.03 -19.61 18.52
CA TRP B 154 -5.17 -20.43 18.15
C TRP B 154 -5.23 -21.62 19.08
N LYS B 155 -6.46 -22.11 19.29
CA LYS B 155 -6.68 -23.27 20.13
C LYS B 155 -7.65 -24.23 19.45
N ALA B 156 -7.33 -25.52 19.56
CA ALA B 156 -8.25 -26.59 19.22
C ALA B 156 -8.88 -27.05 20.51
N ASP B 157 -10.19 -26.84 20.65
CA ASP B 157 -10.83 -26.93 21.94
C ASP B 157 -10.12 -25.94 22.88
N SER B 158 -9.44 -26.43 23.89
CA SER B 158 -8.70 -25.53 24.77
C SER B 158 -7.19 -25.59 24.56
N SER B 159 -6.72 -26.41 23.61
CA SER B 159 -5.30 -26.68 23.49
C SER B 159 -4.66 -25.83 22.41
N PRO B 160 -3.55 -25.17 22.67
CA PRO B 160 -2.87 -24.37 21.64
C PRO B 160 -2.52 -25.19 20.39
N VAL B 161 -2.80 -24.59 19.24
CA VAL B 161 -2.42 -25.12 17.93
C VAL B 161 -1.30 -24.24 17.39
N LYS B 162 -0.16 -24.84 17.09
CA LYS B 162 0.98 -24.08 16.59
C LYS B 162 1.18 -24.22 15.09
N ALA B 163 0.69 -25.29 14.48
CA ALA B 163 0.90 -25.56 13.06
C ALA B 163 -0.17 -24.88 12.23
N GLY B 164 0.19 -24.53 11.00
CA GLY B 164 -0.79 -24.05 10.03
C GLY B 164 -1.30 -22.66 10.26
N VAL B 165 -0.55 -21.80 10.96
CA VAL B 165 -0.99 -20.46 11.29
C VAL B 165 -0.19 -19.46 10.47
N GLU B 166 -0.90 -18.56 9.78
CA GLU B 166 -0.27 -17.44 9.09
C GLU B 166 -0.91 -16.16 9.58
N THR B 167 -0.09 -15.19 10.00
CA THR B 167 -0.60 -13.94 10.55
C THR B 167 0.13 -12.77 9.92
N THR B 168 -0.62 -11.74 9.53
CA THR B 168 0.01 -10.55 8.96
C THR B 168 0.69 -9.73 10.06
N THR B 169 1.62 -8.89 9.61
CA THR B 169 2.05 -7.77 10.43
C THR B 169 0.86 -6.85 10.71
N PRO B 170 0.92 -6.07 11.77
CA PRO B 170 -0.09 -5.02 11.96
C PRO B 170 0.14 -3.91 10.94
N SER B 171 -0.94 -3.43 10.36
CA SER B 171 -0.85 -2.39 9.34
C SER B 171 -1.69 -1.18 9.77
N LYS B 172 -1.17 0.02 9.49
CA LYS B 172 -1.84 1.23 9.96
C LYS B 172 -3.09 1.52 9.13
N GLN B 173 -4.20 1.72 9.83
CA GLN B 173 -5.47 2.07 9.22
C GLN B 173 -5.51 3.58 8.99
N SER B 174 -6.52 4.01 8.22
CA SER B 174 -6.68 5.44 7.95
C SER B 174 -6.96 6.23 9.23
N ASN B 175 -7.54 5.60 10.25
CA ASN B 175 -7.82 6.26 11.53
C ASN B 175 -6.67 6.18 12.52
N ASN B 176 -5.47 5.78 12.06
CA ASN B 176 -4.23 5.69 12.82
C ASN B 176 -4.19 4.50 13.77
N LYS B 177 -5.28 3.74 13.91
CA LYS B 177 -5.22 2.46 14.62
C LYS B 177 -4.66 1.41 13.66
N TYR B 178 -4.66 0.15 14.09
CA TYR B 178 -3.99 -0.90 13.33
C TYR B 178 -4.95 -2.06 13.08
N ALA B 179 -4.63 -2.82 12.03
CA ALA B 179 -5.36 -4.03 11.66
C ALA B 179 -4.39 -5.17 11.41
N ALA B 180 -4.88 -6.38 11.64
CA ALA B 180 -4.12 -7.58 11.32
C ALA B 180 -5.09 -8.71 11.03
N SER B 181 -4.59 -9.74 10.35
CA SER B 181 -5.38 -10.92 10.01
C SER B 181 -4.60 -12.16 10.38
N SER B 182 -5.29 -13.15 10.96
CA SER B 182 -4.66 -14.44 11.23
C SER B 182 -5.50 -15.55 10.60
N TYR B 183 -4.82 -16.54 10.02
CA TYR B 183 -5.46 -17.64 9.30
C TYR B 183 -4.98 -18.96 9.86
N LEU B 184 -5.90 -19.83 10.20
CA LEU B 184 -5.56 -21.18 10.66
C LEU B 184 -6.01 -22.16 9.59
N SER B 185 -5.08 -22.95 9.08
CA SER B 185 -5.37 -23.99 8.10
C SER B 185 -5.57 -25.32 8.80
N LEU B 186 -6.68 -25.99 8.49
CA LEU B 186 -7.05 -27.28 9.03
C LEU B 186 -7.49 -28.21 7.91
N THR B 187 -7.48 -29.51 8.19
CA THR B 187 -8.25 -30.36 7.31
C THR B 187 -9.72 -30.30 7.71
N PRO B 188 -10.64 -30.59 6.78
CA PRO B 188 -12.05 -30.70 7.18
C PRO B 188 -12.26 -31.69 8.32
N GLU B 189 -11.46 -32.77 8.35
CA GLU B 189 -11.58 -33.76 9.40
C GLU B 189 -11.21 -33.19 10.77
N GLN B 190 -10.14 -32.39 10.84
CA GLN B 190 -9.80 -31.72 12.09
C GLN B 190 -10.92 -30.79 12.53
N TRP B 191 -11.42 -29.99 11.59
CA TRP B 191 -12.47 -29.02 11.92
C TRP B 191 -13.71 -29.69 12.47
N LYS B 192 -14.13 -30.80 11.86
CA LYS B 192 -15.34 -31.48 12.30
C LYS B 192 -15.14 -32.32 13.56
N SER B 193 -13.91 -32.74 13.86
CA SER B 193 -13.70 -33.64 14.99
C SER B 193 -13.56 -32.93 16.33
N HIS B 194 -13.35 -31.62 16.37
CA HIS B 194 -13.24 -30.88 17.62
C HIS B 194 -14.55 -30.23 17.95
N ARG B 195 -14.74 -29.95 19.24
CA ARG B 195 -15.95 -29.25 19.64
C ARG B 195 -15.90 -27.77 19.24
N SER B 196 -14.70 -27.19 19.18
CA SER B 196 -14.55 -25.82 18.72
C SER B 196 -13.09 -25.49 18.45
N TYR B 197 -12.88 -24.36 17.77
CA TYR B 197 -11.59 -23.71 17.67
C TYR B 197 -11.71 -22.27 18.16
N SER B 198 -10.61 -21.73 18.66
CA SER B 198 -10.63 -20.36 19.18
C SER B 198 -9.48 -19.56 18.61
N CYS B 199 -9.73 -18.27 18.43
CA CYS B 199 -8.71 -17.27 18.11
C CYS B 199 -8.59 -16.36 19.33
N GLN B 200 -7.40 -16.32 19.92
CA GLN B 200 -7.16 -15.52 21.12
C GLN B 200 -6.17 -14.42 20.80
N VAL B 201 -6.59 -13.17 20.99
CA VAL B 201 -5.80 -12.00 20.63
C VAL B 201 -5.30 -11.35 21.91
N THR B 202 -3.99 -11.17 22.04
CA THR B 202 -3.42 -10.50 23.20
C THR B 202 -2.94 -9.12 22.80
N HIS B 203 -3.30 -8.11 23.60
CA HIS B 203 -2.94 -6.74 23.27
C HIS B 203 -2.80 -5.98 24.57
N GLU B 204 -1.59 -5.47 24.86
CA GLU B 204 -1.37 -4.62 26.03
C GLU B 204 -1.79 -5.32 27.32
N GLY B 205 -1.49 -6.61 27.42
CA GLY B 205 -1.79 -7.36 28.62
C GLY B 205 -3.24 -7.78 28.79
N SER B 206 -4.11 -7.52 27.81
CA SER B 206 -5.49 -7.98 27.83
C SER B 206 -5.71 -8.94 26.67
N THR B 207 -6.65 -9.87 26.84
CA THR B 207 -6.92 -10.85 25.80
C THR B 207 -8.39 -10.86 25.44
N VAL B 208 -8.66 -11.07 24.16
CA VAL B 208 -10.00 -11.28 23.63
C VAL B 208 -9.98 -12.62 22.92
N GLU B 209 -10.90 -13.50 23.30
CA GLU B 209 -10.93 -14.83 22.70
C GLU B 209 -12.30 -15.07 22.08
N LYS B 210 -12.31 -15.34 20.78
CA LYS B 210 -13.53 -15.70 20.08
C LYS B 210 -13.44 -17.17 19.69
N THR B 211 -14.59 -17.84 19.68
CA THR B 211 -14.66 -19.28 19.48
C THR B 211 -15.75 -19.62 18.49
N VAL B 212 -15.47 -20.56 17.58
CA VAL B 212 -16.46 -21.03 16.62
C VAL B 212 -16.50 -22.55 16.65
N ALA B 213 -17.64 -23.12 16.28
CA ALA B 213 -17.85 -24.55 16.33
C ALA B 213 -18.48 -25.02 15.03
N PRO B 214 -18.25 -26.29 14.63
CA PRO B 214 -18.84 -26.82 13.40
C PRO B 214 -20.36 -26.80 13.42
#